data_4ZTF
#
_entry.id   4ZTF
#
_cell.length_a   159.450
_cell.length_b   159.450
_cell.length_c   124.090
_cell.angle_alpha   90.000
_cell.angle_beta   90.000
_cell.angle_gamma   90.000
#
_symmetry.space_group_name_H-M   'P 41 21 2'
#
loop_
_entity.id
_entity.type
_entity.pdbx_description
1 polymer Integrase
2 polymer '19 NUCLEOTIDE PREPROCESSED PFV DONOR DNA (NON-TRANSFERRED STRAND)'
3 polymer '17 NUCLEOTIDE PREPROCESSED PFV DONOR DNA (TRANSFERRED STRAND)'
4 non-polymer 'ZINC ION'
5 non-polymer GLYCEROL
6 non-polymer "(1R,2R,5S)-8'-(3-chloro-4-fluorobenzyl)-6'-hydroxy-2'-[(2S)-2-hydroxypropyl]-9',10'-dihydro-2'H-spiro[bicyclo[3.1.0]hexane-2,3'-imidazo[5,1-a][2,6]naphthyridine]-1',5',7'(8'H)-trione"
7 non-polymer 'MAGNESIUM ION'
8 non-polymer 'SULFATE ION'
9 water water
#
loop_
_entity_poly.entity_id
_entity_poly.type
_entity_poly.pdbx_seq_one_letter_code
_entity_poly.pdbx_strand_id
1 'polypeptide(L)'
;GPGCNTKKPNLDAELDQLLQGHYIKGYPKQYTYFLEDGKVKVSRPEGVKIIPPQSDRQKIVLQAHNLAHTGREATLLKIA
NLYWWPNMRKDVVKQLGRCQQCLITNASNKASGPILRPDRPQKPFDKFFIDYIGPLPPSQGYLYVLVVVDGMTGFTWLYP
TKAPSTSATVKSLNVLTSIAIPKVIHSDQGAAFTSSTFAEWAKERGIHLEFSTPYHPQSSGKVERKNSDIKRLLTKLLVG
RPTKWYDLLPVVQLALNNTYSPVLKYTPHQLLFGIDSNTPFANQDTLDLTREEELSLLQEIRTSLYHPSTPPASSRSWSP
VVGQLVQERVARPASLRPRWHKPSTVLKVLNPRTVVILDHLGNNRTVSIDNLKPTSHQNGTTNDTATMDHLEKNE
;
A,B
2 'polydeoxyribonucleotide' (DA)(DT)(DT)(DG)(DT)(DC)(DA)(DT)(DG)(DG)(DA)(DA)(DT)(DT)(DT)(DC)(DG)(DC)(DA) C
3 'polydeoxyribonucleotide' (DT)(DG)(DC)(DG)(DA)(DA)(DA)(DT)(DT)(DC)(DC)(DA)(DT)(DG)(DA)(DC)(DA) D
#
loop_
_chem_comp.id
_chem_comp.type
_chem_comp.name
_chem_comp.formula
DA DNA linking 2'-DEOXYADENOSINE-5'-MONOPHOSPHATE 'C10 H14 N5 O6 P'
DC DNA linking 2'-DEOXYCYTIDINE-5'-MONOPHOSPHATE 'C9 H14 N3 O7 P'
DG DNA linking 2'-DEOXYGUANOSINE-5'-MONOPHOSPHATE 'C10 H14 N5 O7 P'
DT DNA linking THYMIDINE-5'-MONOPHOSPHATE 'C10 H15 N2 O8 P'
GOL non-polymer GLYCEROL 'C3 H8 O3'
MG non-polymer 'MAGNESIUM ION' 'Mg 2'
SO4 non-polymer 'SULFATE ION' 'O4 S -2'
X2P non-polymer (1R,2R,5S)-8'-(3-chloro-4-fluorobenzyl)-6'-hydroxy-2'-[(2S)-2-hydroxypropyl]-9',10'-dihydro-2'H-spiro[bicyclo[3.1.0]hexane-2,3'-imidazo[5,1-a][2,6]naphthyridine]-1',5',7'(8'H)-trione 'C25 H25 Cl F N3 O5'
ZN non-polymer 'ZINC ION' 'Zn 2'
#
# COMPACT_ATOMS: atom_id res chain seq x y z
N LEU A 11 16.21 57.51 -15.24
CA LEU A 11 15.43 58.57 -15.87
C LEU A 11 15.55 59.94 -15.14
N ASP A 12 16.62 60.71 -15.48
CA ASP A 12 16.92 62.05 -14.95
C ASP A 12 16.05 63.11 -15.67
N ALA A 13 15.42 62.71 -16.81
CA ALA A 13 14.53 63.55 -17.61
C ALA A 13 13.21 63.72 -16.85
N GLU A 14 12.66 62.59 -16.32
CA GLU A 14 11.43 62.51 -15.52
C GLU A 14 11.57 63.36 -14.25
N LEU A 15 12.75 63.32 -13.61
CA LEU A 15 13.05 64.07 -12.39
C LEU A 15 13.22 65.57 -12.64
N ASP A 16 13.58 65.98 -13.88
CA ASP A 16 13.76 67.40 -14.24
C ASP A 16 12.45 68.18 -14.16
N GLN A 17 11.36 67.66 -14.78
CA GLN A 17 10.00 68.26 -14.79
C GLN A 17 9.46 68.48 -13.38
N LEU A 18 9.85 67.57 -12.47
CA LEU A 18 9.49 67.54 -11.05
C LEU A 18 10.12 68.72 -10.31
N LEU A 19 11.43 68.97 -10.56
CA LEU A 19 12.21 70.06 -9.95
C LEU A 19 11.63 71.43 -10.32
N GLN A 20 11.11 71.55 -11.59
CA GLN A 20 10.47 72.75 -12.12
C GLN A 20 9.21 73.04 -11.32
N GLY A 21 8.46 71.98 -11.00
CA GLY A 21 7.24 72.06 -10.22
C GLY A 21 6.00 71.48 -10.86
N HIS A 22 6.13 70.87 -12.07
CA HIS A 22 4.95 70.30 -12.71
C HIS A 22 4.75 68.80 -12.43
N TYR A 23 3.50 68.43 -12.12
CA TYR A 23 3.00 67.10 -11.75
C TYR A 23 3.35 65.95 -12.71
N ILE A 24 3.80 64.80 -12.12
CA ILE A 24 4.12 63.52 -12.77
C ILE A 24 3.32 62.46 -12.01
N LYS A 25 2.59 61.57 -12.74
CA LYS A 25 1.78 60.50 -12.12
C LYS A 25 2.63 59.60 -11.24
N GLY A 26 2.26 59.55 -9.97
CA GLY A 26 2.95 58.76 -8.95
C GLY A 26 3.57 59.60 -7.86
N TYR A 27 4.02 60.83 -8.20
CA TYR A 27 4.64 61.76 -7.28
C TYR A 27 3.58 62.70 -6.72
N PRO A 28 3.24 62.61 -5.41
CA PRO A 28 2.21 63.52 -4.85
C PRO A 28 2.60 65.00 -5.01
N LYS A 29 1.67 65.83 -5.54
CA LYS A 29 1.92 67.27 -5.79
C LYS A 29 2.13 68.09 -4.51
N GLN A 30 1.51 67.67 -3.39
CA GLN A 30 1.57 68.33 -2.08
C GLN A 30 2.98 68.35 -1.40
N TYR A 31 3.97 67.65 -2.00
CA TYR A 31 5.32 67.60 -1.43
C TYR A 31 6.28 68.54 -2.13
N THR A 32 7.35 68.90 -1.41
CA THR A 32 8.38 69.80 -1.91
C THR A 32 9.61 69.04 -2.42
N TYR A 33 9.73 68.94 -3.76
CA TYR A 33 10.81 68.27 -4.47
C TYR A 33 11.90 69.29 -4.81
N PHE A 34 13.14 69.03 -4.37
CA PHE A 34 14.26 69.93 -4.59
C PHE A 34 15.56 69.26 -4.98
N LEU A 35 16.62 70.05 -5.19
CA LEU A 35 17.96 69.56 -5.53
C LEU A 35 18.90 69.99 -4.42
N GLU A 36 19.80 69.08 -4.04
CA GLU A 36 20.80 69.26 -2.98
C GLU A 36 21.88 68.22 -3.21
N ASP A 37 23.15 68.54 -2.92
CA ASP A 37 24.33 67.64 -3.06
C ASP A 37 24.39 66.88 -4.42
N GLY A 38 23.77 67.46 -5.44
CA GLY A 38 23.71 66.90 -6.78
C GLY A 38 22.74 65.73 -6.90
N LYS A 39 21.63 65.76 -6.14
CA LYS A 39 20.60 64.71 -6.14
C LYS A 39 19.21 65.24 -5.79
N VAL A 40 18.16 64.70 -6.45
CA VAL A 40 16.77 65.11 -6.21
C VAL A 40 16.33 64.59 -4.84
N LYS A 41 15.84 65.48 -3.97
CA LYS A 41 15.38 65.13 -2.63
C LYS A 41 13.90 65.49 -2.45
N VAL A 42 13.28 64.99 -1.38
CA VAL A 42 11.88 65.24 -1.06
C VAL A 42 11.70 65.25 0.45
N SER A 43 10.94 66.21 0.98
CA SER A 43 10.73 66.25 2.41
C SER A 43 9.44 65.52 2.72
N ARG A 44 9.59 64.29 3.19
CA ARG A 44 8.48 63.42 3.53
C ARG A 44 8.28 63.36 5.04
N PRO A 45 7.08 62.97 5.55
CA PRO A 45 6.88 62.96 7.01
C PRO A 45 8.00 62.28 7.78
N GLU A 46 8.43 61.09 7.29
CA GLU A 46 9.50 60.28 7.85
C GLU A 46 10.84 61.06 7.95
N GLY A 47 11.12 61.89 6.95
CA GLY A 47 12.33 62.71 6.86
C GLY A 47 12.66 63.04 5.42
N VAL A 48 13.85 63.57 5.16
CA VAL A 48 14.23 63.92 3.79
C VAL A 48 14.88 62.74 3.10
N LYS A 49 14.20 62.20 2.07
CA LYS A 49 14.71 61.05 1.33
C LYS A 49 15.18 61.46 -0.06
N ILE A 50 16.11 60.69 -0.63
CA ILE A 50 16.65 60.93 -1.96
C ILE A 50 15.71 60.23 -2.97
N ILE A 51 15.41 60.90 -4.10
CA ILE A 51 14.60 60.28 -5.14
C ILE A 51 15.59 59.82 -6.21
N PRO A 52 15.97 58.52 -6.26
CA PRO A 52 16.90 58.10 -7.31
C PRO A 52 16.23 58.05 -8.69
N PRO A 53 16.95 58.30 -9.81
CA PRO A 53 16.31 58.19 -11.13
C PRO A 53 15.85 56.75 -11.38
N GLN A 54 14.75 56.55 -12.13
CA GLN A 54 14.21 55.23 -12.44
C GLN A 54 15.32 54.22 -12.86
N SER A 55 16.33 54.71 -13.61
CA SER A 55 17.47 53.91 -14.09
C SER A 55 18.40 53.37 -12.99
N ASP A 56 18.27 53.87 -11.77
CA ASP A 56 19.09 53.49 -10.63
C ASP A 56 18.41 52.56 -9.62
N ARG A 57 17.08 52.58 -9.57
CA ARG A 57 16.22 51.85 -8.65
C ARG A 57 16.45 50.34 -8.60
N GLN A 58 16.56 49.66 -9.74
CA GLN A 58 16.80 48.22 -9.76
C GLN A 58 18.00 47.82 -8.94
N LYS A 59 19.14 48.54 -9.12
CA LYS A 59 20.42 48.34 -8.43
C LYS A 59 20.30 48.54 -6.92
N ILE A 60 19.52 49.55 -6.50
CA ILE A 60 19.29 49.87 -5.10
C ILE A 60 18.53 48.72 -4.41
N VAL A 61 17.44 48.26 -5.06
CA VAL A 61 16.59 47.19 -4.55
C VAL A 61 17.40 45.92 -4.41
N LEU A 62 18.21 45.64 -5.42
CA LEU A 62 19.08 44.48 -5.45
C LEU A 62 20.13 44.57 -4.34
N GLN A 63 20.70 45.77 -4.12
CA GLN A 63 21.70 45.97 -3.08
C GLN A 63 21.07 45.81 -1.70
N ALA A 64 19.87 46.38 -1.46
CA ALA A 64 19.18 46.27 -0.19
C ALA A 64 18.85 44.82 0.10
N HIS A 65 18.21 44.13 -0.87
CA HIS A 65 17.85 42.73 -0.75
C HIS A 65 19.02 41.81 -0.47
N ASN A 66 20.15 42.01 -1.18
CA ASN A 66 21.32 41.14 -1.09
C ASN A 66 22.06 41.12 0.25
N LEU A 67 21.84 42.14 1.12
CA LEU A 67 22.48 42.22 2.45
C LEU A 67 22.24 40.94 3.25
N ALA A 68 20.97 40.49 3.39
CA ALA A 68 20.64 39.25 4.09
C ALA A 68 19.59 38.41 3.32
N HIS A 69 19.38 38.70 2.01
CA HIS A 69 18.41 38.05 1.14
C HIS A 69 17.01 38.08 1.81
N THR A 70 16.66 39.30 2.25
CA THR A 70 15.42 39.61 2.97
C THR A 70 14.20 39.68 2.07
N GLY A 71 13.04 39.38 2.68
CA GLY A 71 11.74 39.41 2.03
C GLY A 71 11.28 40.84 1.82
N ARG A 72 10.00 41.01 1.55
CA ARG A 72 9.38 42.29 1.22
C ARG A 72 9.59 43.42 2.21
N GLU A 73 9.06 43.32 3.43
CA GLU A 73 9.15 44.38 4.44
C GLU A 73 10.56 44.63 4.93
N ALA A 74 11.34 43.58 5.19
CA ALA A 74 12.70 43.76 5.65
C ALA A 74 13.59 44.42 4.58
N THR A 75 13.33 44.19 3.27
CA THR A 75 14.08 44.84 2.18
C THR A 75 13.59 46.28 2.13
N LEU A 76 12.27 46.50 2.15
CA LEU A 76 11.74 47.85 2.12
C LEU A 76 12.30 48.76 3.21
N LEU A 77 12.22 48.31 4.49
CA LEU A 77 12.69 49.04 5.66
C LEU A 77 14.13 49.54 5.49
N LYS A 78 14.99 48.79 4.78
CA LYS A 78 16.35 49.23 4.52
C LYS A 78 16.31 50.34 3.49
N ILE A 79 15.67 50.10 2.31
CA ILE A 79 15.59 51.08 1.22
C ILE A 79 15.06 52.43 1.74
N ALA A 80 13.89 52.40 2.44
CA ALA A 80 13.23 53.56 3.04
C ALA A 80 14.12 54.39 3.96
N ASN A 81 15.24 53.84 4.43
CA ASN A 81 16.15 54.58 5.29
C ASN A 81 16.83 55.74 4.54
N LEU A 82 17.11 55.56 3.25
CA LEU A 82 17.76 56.55 2.42
C LEU A 82 16.92 57.13 1.30
N TYR A 83 16.10 56.29 0.65
CA TYR A 83 15.33 56.71 -0.52
C TYR A 83 13.83 56.70 -0.42
N TRP A 84 13.21 57.29 -1.44
CA TRP A 84 11.79 57.36 -1.68
C TRP A 84 11.56 57.45 -3.17
N TRP A 85 10.56 56.70 -3.66
CA TRP A 85 10.11 56.69 -5.04
C TRP A 85 8.68 56.09 -5.12
N PRO A 86 7.86 56.37 -6.17
CA PRO A 86 6.50 55.83 -6.18
C PRO A 86 6.49 54.33 -6.35
N ASN A 87 5.66 53.67 -5.52
CA ASN A 87 5.43 52.23 -5.49
C ASN A 87 6.74 51.43 -5.37
N MET A 88 7.45 51.63 -4.25
CA MET A 88 8.71 50.98 -3.91
C MET A 88 8.59 49.45 -3.78
N ARG A 89 7.56 48.98 -3.04
CA ARG A 89 7.29 47.56 -2.84
C ARG A 89 7.02 46.83 -4.15
N LYS A 90 6.46 47.52 -5.18
CA LYS A 90 6.21 46.93 -6.48
C LYS A 90 7.57 46.52 -7.06
N ASP A 91 8.59 47.40 -6.88
CA ASP A 91 9.96 47.15 -7.34
C ASP A 91 10.68 46.12 -6.45
N VAL A 92 10.32 46.06 -5.15
CA VAL A 92 10.92 45.11 -4.20
C VAL A 92 10.46 43.72 -4.59
N VAL A 93 9.15 43.55 -4.82
CA VAL A 93 8.54 42.29 -5.19
C VAL A 93 9.07 41.80 -6.55
N LYS A 94 9.38 42.72 -7.50
CA LYS A 94 9.94 42.32 -8.80
C LYS A 94 11.27 41.63 -8.55
N GLN A 95 12.13 42.18 -7.67
CA GLN A 95 13.43 41.59 -7.31
C GLN A 95 13.32 40.28 -6.57
N LEU A 96 12.36 40.18 -5.62
CA LEU A 96 12.16 38.93 -4.85
C LEU A 96 11.76 37.77 -5.77
N GLY A 97 10.92 38.06 -6.76
CA GLY A 97 10.46 37.07 -7.74
C GLY A 97 11.53 36.60 -8.71
N ARG A 98 12.69 37.32 -8.82
CA ARG A 98 13.84 37.03 -9.70
C ARG A 98 15.06 36.48 -8.93
N CYS A 99 14.99 36.43 -7.59
CA CYS A 99 16.13 35.90 -6.82
C CYS A 99 16.03 34.38 -6.75
N GLN A 100 16.82 33.70 -7.55
CA GLN A 100 16.81 32.25 -7.60
C GLN A 100 17.16 31.68 -6.25
N GLN A 101 18.09 32.32 -5.51
CA GLN A 101 18.51 31.85 -4.19
C GLN A 101 17.37 31.89 -3.20
N CYS A 102 16.58 32.96 -3.22
CA CYS A 102 15.47 33.06 -2.30
C CYS A 102 14.40 32.07 -2.66
N LEU A 103 14.01 31.99 -3.95
CA LEU A 103 12.96 31.08 -4.40
C LEU A 103 13.21 29.60 -4.06
N ILE A 104 14.47 29.14 -4.10
CA ILE A 104 14.78 27.74 -3.86
C ILE A 104 15.14 27.46 -2.37
N THR A 105 15.48 28.49 -1.59
CA THR A 105 15.83 28.33 -0.17
C THR A 105 14.67 28.64 0.79
N ASN A 106 13.89 29.69 0.52
CA ASN A 106 12.78 30.03 1.41
C ASN A 106 11.72 28.95 1.54
N ALA A 107 11.00 28.99 2.65
CA ALA A 107 9.94 28.05 2.98
C ALA A 107 8.63 28.61 2.46
N SER A 108 7.64 27.75 2.31
CA SER A 108 6.32 28.14 1.86
C SER A 108 5.56 28.64 3.07
N ASN A 109 4.51 29.40 2.86
CA ASN A 109 3.69 29.84 3.97
C ASN A 109 2.24 29.64 3.61
N LYS A 110 1.99 28.75 2.65
CA LYS A 110 0.66 28.37 2.20
C LYS A 110 0.58 26.85 2.41
N ALA A 111 -0.42 26.40 3.16
CA ALA A 111 -0.62 24.99 3.42
C ALA A 111 -1.29 24.34 2.19
N SER A 112 -1.18 23.00 2.06
CA SER A 112 -1.83 22.23 1.00
C SER A 112 -3.34 22.25 1.23
N GLY A 113 -4.10 21.92 0.19
CA GLY A 113 -5.55 21.84 0.29
C GLY A 113 -5.94 20.62 1.10
N PRO A 114 -7.22 20.52 1.54
CA PRO A 114 -7.63 19.35 2.36
C PRO A 114 -7.43 18.01 1.67
N ILE A 115 -7.05 16.98 2.45
CA ILE A 115 -6.80 15.63 1.93
C ILE A 115 -8.05 15.04 1.31
N LEU A 116 -7.85 14.10 0.41
CA LEU A 116 -8.93 13.37 -0.22
C LEU A 116 -9.14 12.09 0.60
N ARG A 117 -10.35 11.57 0.64
CA ARG A 117 -10.60 10.32 1.35
C ARG A 117 -11.05 9.36 0.25
N PRO A 118 -10.10 8.72 -0.50
CA PRO A 118 -10.49 7.85 -1.61
C PRO A 118 -11.54 6.84 -1.21
N ASP A 119 -12.48 6.52 -2.10
CA ASP A 119 -13.51 5.52 -1.80
C ASP A 119 -12.84 4.19 -1.46
N ARG A 120 -13.43 3.49 -0.50
CA ARG A 120 -12.93 2.20 -0.05
C ARG A 120 -13.13 1.21 -1.20
N PRO A 121 -12.15 0.33 -1.53
CA PRO A 121 -12.37 -0.68 -2.58
C PRO A 121 -13.69 -1.42 -2.30
N GLN A 122 -14.47 -1.70 -3.34
CA GLN A 122 -15.77 -2.33 -3.17
C GLN A 122 -15.74 -3.76 -2.66
N LYS A 123 -14.82 -4.55 -3.20
CA LYS A 123 -14.72 -5.95 -2.84
C LYS A 123 -13.36 -6.32 -2.29
N PRO A 124 -13.25 -7.42 -1.48
CA PRO A 124 -11.91 -7.88 -1.10
C PRO A 124 -11.23 -8.27 -2.41
N PHE A 125 -9.91 -8.14 -2.46
CA PHE A 125 -9.03 -8.47 -3.57
C PHE A 125 -9.08 -7.44 -4.73
N ASP A 126 -9.87 -6.36 -4.61
CA ASP A 126 -9.90 -5.30 -5.62
C ASP A 126 -8.56 -4.58 -5.57
N LYS A 127 -8.12 -4.14 -4.37
CA LYS A 127 -6.85 -3.43 -4.20
C LYS A 127 -6.08 -3.85 -2.96
N PHE A 128 -4.80 -4.20 -3.15
CA PHE A 128 -3.88 -4.54 -2.09
C PHE A 128 -2.95 -3.34 -1.90
N PHE A 129 -2.55 -3.04 -0.66
CA PHE A 129 -1.60 -1.98 -0.35
C PHE A 129 -0.41 -2.74 0.23
N ILE A 130 0.78 -2.54 -0.35
CA ILE A 130 1.96 -3.27 0.10
C ILE A 130 3.06 -2.30 0.49
N ASP A 131 3.88 -2.70 1.46
CA ASP A 131 4.97 -1.90 1.98
C ASP A 131 5.88 -2.77 2.82
N TYR A 132 7.09 -2.25 3.08
CA TYR A 132 8.11 -2.87 3.90
C TYR A 132 8.30 -2.11 5.22
N ILE A 133 8.58 -2.85 6.29
CA ILE A 133 8.89 -2.34 7.63
C ILE A 133 10.32 -2.84 7.84
N GLY A 134 11.19 -1.97 8.34
CA GLY A 134 12.56 -2.35 8.61
C GLY A 134 13.58 -1.33 8.16
N PRO A 135 14.88 -1.57 8.48
CA PRO A 135 15.41 -2.73 9.20
C PRO A 135 15.01 -2.79 10.66
N LEU A 136 14.70 -3.99 11.10
CA LEU A 136 14.31 -4.31 12.46
C LEU A 136 15.52 -5.01 13.11
N PRO A 137 15.60 -5.18 14.46
CA PRO A 137 16.75 -5.92 15.02
C PRO A 137 16.80 -7.28 14.33
N PRO A 138 17.96 -7.86 13.97
CA PRO A 138 17.95 -9.16 13.29
C PRO A 138 17.30 -10.24 14.17
N SER A 139 16.44 -11.05 13.53
CA SER A 139 15.70 -12.14 14.15
C SER A 139 15.71 -13.28 13.15
N GLN A 140 16.43 -14.37 13.46
CA GLN A 140 16.60 -15.58 12.63
C GLN A 140 17.19 -15.25 11.23
N GLY A 141 17.97 -14.18 11.16
CA GLY A 141 18.59 -13.71 9.92
C GLY A 141 17.70 -12.77 9.13
N TYR A 142 16.48 -12.52 9.61
CA TYR A 142 15.50 -11.66 8.97
C TYR A 142 15.59 -10.25 9.54
N LEU A 143 15.39 -9.25 8.69
CA LEU A 143 15.47 -7.85 9.06
C LEU A 143 14.23 -7.05 8.67
N TYR A 144 13.51 -7.48 7.62
CA TYR A 144 12.33 -6.73 7.15
C TYR A 144 11.02 -7.52 7.24
N VAL A 145 9.89 -6.82 7.10
CA VAL A 145 8.56 -7.39 7.10
C VAL A 145 7.82 -6.83 5.89
N LEU A 146 7.29 -7.72 5.03
CA LEU A 146 6.48 -7.31 3.88
C LEU A 146 5.05 -7.35 4.42
N VAL A 147 4.39 -6.20 4.37
CA VAL A 147 3.01 -6.02 4.85
C VAL A 147 2.08 -5.89 3.64
N VAL A 148 1.06 -6.76 3.60
CA VAL A 148 0.07 -6.75 2.53
C VAL A 148 -1.30 -6.49 3.14
N VAL A 149 -1.93 -5.37 2.77
CA VAL A 149 -3.25 -5.02 3.31
C VAL A 149 -4.33 -5.02 2.23
N ASP A 150 -5.37 -5.81 2.42
CA ASP A 150 -6.46 -5.75 1.47
C ASP A 150 -7.21 -4.44 1.83
N GLY A 151 -7.44 -3.60 0.82
CA GLY A 151 -8.07 -2.31 1.02
C GLY A 151 -9.48 -2.34 1.57
N MET A 152 -10.31 -3.24 1.06
CA MET A 152 -11.69 -3.30 1.50
C MET A 152 -11.81 -3.75 2.95
N THR A 153 -11.25 -4.92 3.23
CA THR A 153 -11.32 -5.59 4.51
C THR A 153 -10.35 -5.11 5.57
N GLY A 154 -9.12 -4.75 5.16
CA GLY A 154 -8.06 -4.40 6.08
C GLY A 154 -7.30 -5.66 6.50
N PHE A 155 -7.66 -6.83 5.94
CA PHE A 155 -7.03 -8.12 6.22
C PHE A 155 -5.57 -8.04 5.76
N THR A 156 -4.64 -8.37 6.67
CA THR A 156 -3.20 -8.27 6.51
C THR A 156 -2.49 -9.61 6.50
N TRP A 157 -1.46 -9.70 5.67
CA TRP A 157 -0.59 -10.86 5.53
C TRP A 157 0.83 -10.33 5.80
N LEU A 158 1.59 -11.02 6.68
CA LEU A 158 2.94 -10.62 7.08
C LEU A 158 3.99 -11.63 6.64
N TYR A 159 5.10 -11.13 6.06
CA TYR A 159 6.19 -11.99 5.57
C TYR A 159 7.55 -11.47 6.00
N PRO A 160 8.31 -12.28 6.79
CA PRO A 160 9.66 -11.85 7.17
C PRO A 160 10.61 -11.95 5.96
N THR A 161 11.44 -10.92 5.72
CA THR A 161 12.39 -10.93 4.61
C THR A 161 13.78 -10.52 5.09
N LYS A 162 14.82 -10.88 4.32
CA LYS A 162 16.20 -10.52 4.64
C LYS A 162 16.56 -9.13 4.03
N ALA A 163 15.73 -8.63 3.10
CA ALA A 163 15.92 -7.34 2.42
C ALA A 163 14.62 -6.88 1.76
N PRO A 164 14.41 -5.55 1.56
CA PRO A 164 13.19 -5.11 0.86
C PRO A 164 13.43 -5.20 -0.68
N SER A 165 13.65 -6.46 -1.16
CA SER A 165 13.95 -6.83 -2.55
C SER A 165 12.75 -7.28 -3.37
N THR A 166 12.89 -7.21 -4.70
CA THR A 166 11.88 -7.67 -5.66
C THR A 166 11.75 -9.16 -5.47
N SER A 167 12.90 -9.86 -5.37
CA SER A 167 12.92 -11.31 -5.18
C SER A 167 12.15 -11.78 -3.96
N ALA A 168 12.30 -11.10 -2.81
CA ALA A 168 11.57 -11.51 -1.59
C ALA A 168 10.07 -11.13 -1.69
N THR A 169 9.73 -10.05 -2.46
CA THR A 169 8.35 -9.64 -2.65
C THR A 169 7.63 -10.68 -3.51
N VAL A 170 8.26 -11.10 -4.62
CA VAL A 170 7.75 -12.09 -5.55
C VAL A 170 7.52 -13.43 -4.83
N LYS A 171 8.52 -13.92 -4.06
CA LYS A 171 8.41 -15.18 -3.31
C LYS A 171 7.19 -15.14 -2.36
N SER A 172 7.03 -14.04 -1.58
CA SER A 172 5.95 -13.84 -0.63
C SER A 172 4.61 -13.76 -1.32
N LEU A 173 4.51 -12.93 -2.40
CA LEU A 173 3.26 -12.72 -3.15
C LEU A 173 2.83 -13.98 -3.91
N ASN A 174 3.76 -14.87 -4.30
CA ASN A 174 3.42 -16.12 -4.95
C ASN A 174 2.71 -17.06 -3.96
N VAL A 175 3.02 -16.92 -2.64
CA VAL A 175 2.40 -17.68 -1.55
C VAL A 175 1.00 -17.07 -1.30
N LEU A 176 0.91 -15.75 -1.18
CA LEU A 176 -0.35 -15.06 -0.94
C LEU A 176 -1.34 -15.32 -2.08
N THR A 177 -0.91 -15.08 -3.34
CA THR A 177 -1.77 -15.22 -4.54
C THR A 177 -2.20 -16.67 -4.82
N SER A 178 -1.88 -17.62 -3.96
CA SER A 178 -2.33 -19.01 -4.09
C SER A 178 -3.77 -19.05 -3.57
N ILE A 179 -4.18 -18.01 -2.82
CA ILE A 179 -5.52 -17.89 -2.23
C ILE A 179 -6.43 -17.21 -3.24
N ALA A 180 -6.03 -16.01 -3.68
CA ALA A 180 -6.76 -15.19 -4.64
C ALA A 180 -5.80 -14.18 -5.23
N ILE A 181 -6.11 -13.75 -6.46
CA ILE A 181 -5.32 -12.77 -7.19
C ILE A 181 -6.00 -11.40 -7.13
N PRO A 182 -5.24 -10.32 -6.77
CA PRO A 182 -5.84 -8.98 -6.70
C PRO A 182 -5.97 -8.32 -8.08
N LYS A 183 -6.89 -7.34 -8.25
CA LYS A 183 -6.99 -6.63 -9.54
C LYS A 183 -5.80 -5.66 -9.60
N VAL A 184 -5.61 -4.91 -8.52
CA VAL A 184 -4.56 -3.89 -8.36
C VAL A 184 -3.75 -4.18 -7.09
N ILE A 185 -2.45 -3.80 -7.15
CA ILE A 185 -1.49 -3.81 -6.08
C ILE A 185 -0.97 -2.37 -6.05
N HIS A 186 -1.24 -1.64 -4.95
CA HIS A 186 -0.78 -0.27 -4.77
C HIS A 186 0.47 -0.31 -3.89
N SER A 187 1.52 0.36 -4.32
CA SER A 187 2.73 0.41 -3.54
C SER A 187 3.39 1.75 -3.71
N ASP A 188 4.42 2.03 -2.86
CA ASP A 188 5.19 3.26 -2.94
C ASP A 188 6.25 3.07 -4.06
N GLN A 189 7.21 3.99 -4.19
CA GLN A 189 8.20 3.85 -5.26
C GLN A 189 9.54 3.24 -4.77
N GLY A 190 9.44 2.35 -3.80
CA GLY A 190 10.59 1.63 -3.28
C GLY A 190 11.15 0.73 -4.37
N ALA A 191 12.50 0.65 -4.43
CA ALA A 191 13.23 -0.18 -5.40
C ALA A 191 12.56 -1.54 -5.67
N ALA A 192 12.15 -2.28 -4.62
CA ALA A 192 11.51 -3.59 -4.69
C ALA A 192 10.30 -3.70 -5.62
N PHE A 193 9.50 -2.63 -5.74
CA PHE A 193 8.24 -2.60 -6.50
C PHE A 193 8.28 -1.90 -7.87
N THR A 194 9.30 -1.06 -8.10
CA THR A 194 9.45 -0.31 -9.35
C THR A 194 10.33 -1.06 -10.38
N SER A 195 10.92 -2.20 -9.98
CA SER A 195 11.77 -2.99 -10.86
C SER A 195 10.98 -3.58 -12.04
N SER A 196 11.68 -3.87 -13.15
CA SER A 196 11.10 -4.46 -14.36
C SER A 196 10.65 -5.89 -14.05
N THR A 197 11.41 -6.61 -13.17
CA THR A 197 11.13 -7.99 -12.71
C THR A 197 9.78 -8.06 -12.01
N PHE A 198 9.44 -7.02 -11.23
CA PHE A 198 8.17 -6.95 -10.52
C PHE A 198 7.05 -6.62 -11.50
N ALA A 199 7.27 -5.72 -12.46
CA ALA A 199 6.28 -5.34 -13.48
C ALA A 199 5.87 -6.58 -14.34
N GLU A 200 6.87 -7.42 -14.69
CA GLU A 200 6.79 -8.66 -15.47
C GLU A 200 5.95 -9.66 -14.69
N TRP A 201 6.26 -9.81 -13.38
CA TRP A 201 5.57 -10.70 -12.46
C TRP A 201 4.05 -10.35 -12.38
N ALA A 202 3.69 -9.05 -12.41
CA ALA A 202 2.30 -8.58 -12.33
C ALA A 202 1.54 -8.75 -13.64
N LYS A 203 2.20 -8.44 -14.79
CA LYS A 203 1.67 -8.54 -16.15
C LYS A 203 1.24 -9.99 -16.37
N GLU A 204 2.14 -10.92 -16.04
CA GLU A 204 1.94 -12.36 -16.13
C GLU A 204 0.68 -12.82 -15.42
N ARG A 205 0.20 -12.06 -14.41
CA ARG A 205 -0.96 -12.42 -13.59
C ARG A 205 -2.21 -11.54 -13.72
N GLY A 206 -2.18 -10.58 -14.63
CA GLY A 206 -3.32 -9.69 -14.85
C GLY A 206 -3.45 -8.62 -13.78
N ILE A 207 -2.42 -8.50 -12.93
CA ILE A 207 -2.39 -7.56 -11.82
C ILE A 207 -1.91 -6.19 -12.29
N HIS A 208 -2.69 -5.11 -12.01
CA HIS A 208 -2.29 -3.76 -12.37
C HIS A 208 -1.49 -3.12 -11.20
N LEU A 209 -0.32 -2.58 -11.50
CA LEU A 209 0.50 -1.92 -10.50
C LEU A 209 0.16 -0.45 -10.52
N GLU A 210 -0.16 0.08 -9.36
CA GLU A 210 -0.51 1.47 -9.14
C GLU A 210 0.54 1.92 -8.17
N PHE A 211 1.16 3.08 -8.43
CA PHE A 211 2.22 3.64 -7.60
C PHE A 211 1.86 4.94 -6.95
N SER A 212 2.31 5.16 -5.69
CA SER A 212 2.05 6.40 -4.95
C SER A 212 2.92 7.49 -5.58
N THR A 213 2.57 8.78 -5.36
CA THR A 213 3.38 9.91 -5.82
C THR A 213 4.69 9.79 -4.99
N PRO A 214 5.89 10.16 -5.47
CA PRO A 214 7.09 9.87 -4.63
C PRO A 214 7.18 10.68 -3.36
N TYR A 215 7.79 10.06 -2.31
CA TYR A 215 8.03 10.62 -0.97
C TYR A 215 6.77 11.21 -0.34
N HIS A 216 5.68 10.42 -0.40
CA HIS A 216 4.37 10.78 0.13
C HIS A 216 3.73 9.50 0.67
N PRO A 217 4.20 9.00 1.85
CA PRO A 217 3.68 7.73 2.38
C PRO A 217 2.19 7.76 2.79
N GLN A 218 1.58 8.95 2.88
CA GLN A 218 0.15 9.12 3.17
C GLN A 218 -0.67 8.45 2.06
N SER A 219 -0.08 8.37 0.84
CA SER A 219 -0.71 7.77 -0.34
C SER A 219 -0.93 6.30 -0.13
N SER A 220 0.03 5.65 0.56
CA SER A 220 -0.05 4.25 0.97
C SER A 220 -0.67 4.16 2.42
N GLY A 221 -1.36 5.22 2.85
CA GLY A 221 -2.00 5.37 4.16
C GLY A 221 -2.56 4.11 4.78
N LYS A 222 -3.30 3.32 3.97
CA LYS A 222 -3.90 2.06 4.38
C LYS A 222 -2.88 1.08 4.96
N VAL A 223 -1.78 0.80 4.26
CA VAL A 223 -0.75 -0.13 4.76
C VAL A 223 0.11 0.53 5.84
N GLU A 224 0.41 1.85 5.70
CA GLU A 224 1.24 2.60 6.63
C GLU A 224 0.65 2.49 8.00
N ARG A 225 -0.66 2.76 8.09
CA ARG A 225 -1.41 2.68 9.32
C ARG A 225 -1.38 1.29 9.93
N LYS A 226 -1.38 0.25 9.10
CA LYS A 226 -1.31 -1.10 9.61
C LYS A 226 0.09 -1.36 10.17
N ASN A 227 1.15 -0.70 9.60
CA ASN A 227 2.54 -0.82 10.08
C ASN A 227 2.65 -0.37 11.55
N SER A 228 1.87 0.65 11.93
CA SER A 228 1.80 1.20 13.27
C SER A 228 1.26 0.13 14.24
N ASP A 229 0.15 -0.50 13.89
CA ASP A 229 -0.45 -1.53 14.74
C ASP A 229 0.45 -2.76 14.92
N ILE A 230 1.14 -3.19 13.84
CA ILE A 230 2.04 -4.34 13.80
C ILE A 230 3.20 -4.07 14.77
N LYS A 231 3.84 -2.90 14.63
CA LYS A 231 4.96 -2.49 15.47
C LYS A 231 4.54 -2.27 16.91
N ARG A 232 3.36 -1.65 17.14
CA ARG A 232 2.85 -1.39 18.49
C ARG A 232 2.65 -2.70 19.25
N LEU A 233 2.05 -3.72 18.58
CA LEU A 233 1.77 -5.03 19.15
C LEU A 233 3.05 -5.83 19.38
N LEU A 234 3.99 -5.81 18.40
CA LEU A 234 5.28 -6.49 18.56
C LEU A 234 6.00 -5.87 19.76
N THR A 235 5.98 -4.53 19.89
CA THR A 235 6.60 -3.82 21.00
C THR A 235 6.08 -4.38 22.35
N LYS A 236 4.74 -4.44 22.54
CA LYS A 236 4.06 -4.91 23.76
C LYS A 236 4.42 -6.35 24.14
N LEU A 237 4.43 -7.25 23.13
CA LEU A 237 4.71 -8.65 23.31
C LEU A 237 6.17 -8.88 23.65
N LEU A 238 7.05 -7.97 23.23
CA LEU A 238 8.49 -8.09 23.44
C LEU A 238 8.99 -7.30 24.67
N VAL A 239 8.08 -6.69 25.47
CA VAL A 239 8.44 -5.93 26.68
C VAL A 239 9.19 -6.90 27.60
N GLY A 240 10.38 -6.45 28.05
CA GLY A 240 11.28 -7.16 28.95
C GLY A 240 11.81 -8.50 28.47
N ARG A 241 11.93 -8.66 27.14
CA ARG A 241 12.42 -9.88 26.50
C ARG A 241 13.28 -9.45 25.33
N PRO A 242 14.18 -10.32 24.79
CA PRO A 242 14.94 -9.93 23.60
C PRO A 242 13.98 -9.76 22.40
N THR A 243 14.32 -8.86 21.46
CA THR A 243 13.46 -8.55 20.31
C THR A 243 13.44 -9.63 19.22
N LYS A 244 12.95 -10.83 19.59
CA LYS A 244 12.80 -12.00 18.73
C LYS A 244 11.40 -11.93 18.12
N TRP A 245 11.22 -11.05 17.13
CA TRP A 245 9.94 -10.81 16.44
C TRP A 245 9.54 -11.84 15.39
N TYR A 246 10.50 -12.55 14.77
CA TYR A 246 10.26 -13.55 13.72
C TYR A 246 9.12 -14.55 14.02
N ASP A 247 9.13 -15.12 15.23
CA ASP A 247 8.12 -16.09 15.66
C ASP A 247 6.81 -15.47 16.09
N LEU A 248 6.77 -14.14 16.20
CA LEU A 248 5.57 -13.43 16.60
C LEU A 248 4.76 -12.95 15.40
N LEU A 249 5.37 -12.84 14.19
CA LEU A 249 4.64 -12.40 13.00
C LEU A 249 3.33 -13.15 12.82
N PRO A 250 3.33 -14.53 12.84
CA PRO A 250 2.04 -15.26 12.71
C PRO A 250 1.00 -14.89 13.77
N VAL A 251 1.43 -14.74 15.05
CA VAL A 251 0.59 -14.37 16.19
C VAL A 251 0.02 -12.95 15.97
N VAL A 252 0.90 -11.99 15.59
CA VAL A 252 0.51 -10.61 15.33
C VAL A 252 -0.52 -10.56 14.19
N GLN A 253 -0.23 -11.27 13.08
CA GLN A 253 -1.13 -11.36 11.90
C GLN A 253 -2.52 -11.81 12.32
N LEU A 254 -2.63 -12.97 12.97
CA LEU A 254 -3.91 -13.50 13.43
C LEU A 254 -4.56 -12.52 14.41
N ALA A 255 -3.80 -11.97 15.38
CA ALA A 255 -4.33 -11.02 16.38
C ALA A 255 -5.00 -9.82 15.75
N LEU A 256 -4.30 -9.13 14.82
CA LEU A 256 -4.79 -7.93 14.16
C LEU A 256 -5.95 -8.18 13.20
N ASN A 257 -5.92 -9.30 12.44
CA ASN A 257 -6.96 -9.67 11.50
C ASN A 257 -8.29 -9.95 12.23
N ASN A 258 -8.22 -10.25 13.54
CA ASN A 258 -9.37 -10.55 14.38
C ASN A 258 -9.70 -9.46 15.43
N THR A 259 -9.16 -8.23 15.26
CA THR A 259 -9.35 -7.09 16.14
C THR A 259 -10.45 -6.18 15.60
N TYR A 260 -11.38 -5.76 16.46
CA TYR A 260 -12.46 -4.87 16.04
C TYR A 260 -11.97 -3.49 15.71
N SER A 261 -12.60 -2.85 14.73
CA SER A 261 -12.32 -1.47 14.41
C SER A 261 -13.52 -0.84 15.08
N PRO A 262 -13.35 -0.08 16.22
CA PRO A 262 -14.51 0.49 16.91
C PRO A 262 -15.49 1.30 16.04
N VAL A 263 -14.98 1.97 14.98
CA VAL A 263 -15.84 2.76 14.07
C VAL A 263 -16.69 1.86 13.16
N LEU A 264 -16.15 0.70 12.72
CA LEU A 264 -16.89 -0.21 11.84
C LEU A 264 -17.70 -1.21 12.60
N LYS A 265 -17.22 -1.66 13.77
CA LYS A 265 -17.85 -2.67 14.63
C LYS A 265 -17.74 -4.07 13.97
N TYR A 266 -16.64 -4.24 13.21
CA TYR A 266 -16.23 -5.44 12.48
C TYR A 266 -14.75 -5.58 12.50
N THR A 267 -14.28 -6.82 12.42
CA THR A 267 -12.86 -7.16 12.38
C THR A 267 -12.51 -7.43 10.89
N PRO A 268 -11.24 -7.24 10.45
CA PRO A 268 -10.89 -7.55 9.05
C PRO A 268 -11.25 -8.98 8.60
N HIS A 269 -11.26 -9.94 9.54
CA HIS A 269 -11.60 -11.36 9.27
C HIS A 269 -13.09 -11.43 8.86
N GLN A 270 -13.96 -10.77 9.65
CA GLN A 270 -15.40 -10.69 9.42
C GLN A 270 -15.72 -10.05 8.09
N LEU A 271 -15.03 -8.98 7.69
CA LEU A 271 -15.28 -8.37 6.38
C LEU A 271 -14.82 -9.26 5.23
N LEU A 272 -13.80 -10.11 5.47
CA LEU A 272 -13.31 -11.00 4.42
C LEU A 272 -14.15 -12.27 4.26
N PHE A 273 -14.54 -12.91 5.37
CA PHE A 273 -15.26 -14.20 5.36
C PHE A 273 -16.72 -14.17 5.81
N GLY A 274 -17.16 -13.10 6.46
CA GLY A 274 -18.54 -13.02 6.96
C GLY A 274 -18.83 -13.96 8.12
N ILE A 275 -17.78 -14.53 8.73
CA ILE A 275 -17.88 -15.48 9.84
C ILE A 275 -16.54 -15.63 10.57
N ASP A 276 -16.55 -15.64 11.91
CA ASP A 276 -15.34 -15.83 12.70
C ASP A 276 -14.93 -17.31 12.64
N SER A 277 -13.62 -17.59 12.70
CA SER A 277 -13.14 -18.96 12.70
C SER A 277 -13.03 -19.37 14.18
N ASN A 278 -12.42 -20.51 14.48
CA ASN A 278 -12.27 -21.00 15.85
C ASN A 278 -11.20 -20.20 16.62
N THR A 279 -11.43 -18.90 16.79
CA THR A 279 -10.52 -18.01 17.54
C THR A 279 -11.25 -17.61 18.84
N PRO A 280 -10.54 -17.11 19.89
CA PRO A 280 -11.24 -16.73 21.12
C PRO A 280 -12.29 -15.66 20.89
N PHE A 281 -13.41 -15.76 21.64
CA PHE A 281 -14.54 -14.83 21.59
C PHE A 281 -15.14 -14.70 20.21
N ALA A 282 -15.27 -15.81 19.49
CA ALA A 282 -15.84 -15.80 18.14
C ALA A 282 -17.32 -15.38 18.23
N ASN A 283 -17.74 -14.47 17.31
CA ASN A 283 -19.11 -13.99 17.24
C ASN A 283 -20.01 -15.14 16.75
N GLN A 284 -21.17 -15.37 17.40
CA GLN A 284 -22.09 -16.46 17.06
C GLN A 284 -23.47 -16.03 16.54
N ASP A 285 -23.64 -14.75 16.19
CA ASP A 285 -24.90 -14.17 15.73
C ASP A 285 -25.52 -14.76 14.45
N THR A 286 -24.73 -15.33 13.53
CA THR A 286 -25.27 -15.89 12.28
C THR A 286 -25.38 -17.42 12.30
N LEU A 287 -25.32 -18.02 13.49
CA LEU A 287 -25.37 -19.47 13.67
C LEU A 287 -26.57 -20.17 13.03
N ASP A 288 -27.76 -19.54 13.10
CA ASP A 288 -28.98 -20.14 12.55
C ASP A 288 -29.19 -19.80 11.05
N LEU A 289 -28.35 -18.92 10.49
CA LEU A 289 -28.45 -18.56 9.07
C LEU A 289 -27.72 -19.58 8.25
N THR A 290 -28.12 -19.74 6.98
CA THR A 290 -27.42 -20.67 6.08
C THR A 290 -26.22 -19.85 5.58
N ARG A 291 -25.21 -20.49 5.00
CA ARG A 291 -24.08 -19.74 4.46
C ARG A 291 -24.58 -18.65 3.47
N GLU A 292 -25.62 -18.97 2.66
CA GLU A 292 -26.17 -18.01 1.68
C GLU A 292 -26.79 -16.81 2.34
N GLU A 293 -27.55 -17.03 3.43
CA GLU A 293 -28.18 -15.96 4.19
C GLU A 293 -27.07 -15.09 4.81
N GLU A 294 -26.02 -15.75 5.33
CA GLU A 294 -24.83 -15.16 5.94
C GLU A 294 -24.06 -14.28 4.92
N LEU A 295 -23.82 -14.79 3.66
CA LEU A 295 -23.12 -14.06 2.59
C LEU A 295 -23.91 -12.87 2.05
N SER A 296 -25.24 -12.92 2.19
CA SER A 296 -26.19 -11.90 1.77
C SER A 296 -26.07 -10.71 2.73
N LEU A 297 -25.98 -11.01 4.04
CA LEU A 297 -25.84 -10.03 5.11
C LEU A 297 -24.44 -9.39 5.03
N LEU A 298 -23.41 -10.20 4.67
CA LEU A 298 -22.04 -9.72 4.52
C LEU A 298 -21.96 -8.74 3.35
N GLN A 299 -22.66 -9.03 2.23
CA GLN A 299 -22.67 -8.16 1.05
C GLN A 299 -23.26 -6.82 1.39
N GLU A 300 -24.28 -6.81 2.29
CA GLU A 300 -24.96 -5.61 2.80
C GLU A 300 -24.04 -4.79 3.75
N ILE A 301 -23.34 -5.48 4.69
CA ILE A 301 -22.41 -4.89 5.66
C ILE A 301 -21.26 -4.19 4.94
N ARG A 302 -20.67 -4.86 3.92
CA ARG A 302 -19.57 -4.35 3.13
C ARG A 302 -19.91 -3.02 2.43
N THR A 303 -21.17 -2.82 2.03
CA THR A 303 -21.60 -1.60 1.33
C THR A 303 -22.01 -0.46 2.26
N SER A 304 -22.42 -0.77 3.51
CA SER A 304 -22.87 0.24 4.45
C SER A 304 -21.81 0.73 5.46
N LEU A 305 -20.51 0.47 5.17
CA LEU A 305 -19.42 0.88 6.05
C LEU A 305 -19.22 2.39 6.00
N TYR A 306 -18.89 2.98 7.15
CA TYR A 306 -18.65 4.39 7.33
C TYR A 306 -17.53 4.86 6.44
N HIS A 307 -17.75 5.98 5.75
CA HIS A 307 -16.70 6.55 4.92
C HIS A 307 -16.45 7.99 5.33
N PRO A 308 -15.21 8.32 5.72
CA PRO A 308 -14.91 9.70 6.13
C PRO A 308 -14.97 10.68 4.96
N SER A 309 -15.17 11.96 5.25
CA SER A 309 -15.21 12.98 4.19
C SER A 309 -14.03 13.93 4.34
N THR A 310 -13.62 14.60 3.22
CA THR A 310 -12.52 15.58 3.21
C THR A 310 -12.71 16.60 4.33
N PRO A 311 -11.65 16.90 5.11
CA PRO A 311 -11.81 17.87 6.20
C PRO A 311 -11.83 19.32 5.71
N PRO A 312 -12.20 20.31 6.55
CA PRO A 312 -12.18 21.72 6.08
C PRO A 312 -10.77 22.18 5.69
N ALA A 313 -10.69 23.03 4.64
CA ALA A 313 -9.44 23.62 4.16
C ALA A 313 -8.92 24.54 5.25
N SER A 314 -7.59 24.67 5.35
CA SER A 314 -7.06 25.57 6.36
C SER A 314 -7.19 26.99 5.83
N SER A 315 -7.16 28.00 6.73
CA SER A 315 -7.32 29.42 6.35
C SER A 315 -6.44 29.84 5.18
N ARG A 316 -5.19 29.34 5.13
CA ARG A 316 -4.29 29.74 4.09
C ARG A 316 -3.75 28.60 3.25
N SER A 317 -4.67 27.92 2.55
CA SER A 317 -4.31 26.80 1.68
C SER A 317 -4.20 27.25 0.22
N TRP A 318 -3.52 26.44 -0.58
CA TRP A 318 -3.34 26.70 -2.00
C TRP A 318 -3.75 25.46 -2.76
N SER A 319 -4.33 25.67 -3.94
CA SER A 319 -4.72 24.52 -4.76
C SER A 319 -4.14 24.73 -6.17
N PRO A 320 -3.62 23.65 -6.79
CA PRO A 320 -2.97 23.80 -8.10
C PRO A 320 -3.88 24.19 -9.27
N VAL A 321 -3.30 24.98 -10.17
CA VAL A 321 -3.90 25.51 -11.38
C VAL A 321 -2.94 25.22 -12.55
N VAL A 322 -3.47 24.78 -13.71
CA VAL A 322 -2.67 24.48 -14.91
C VAL A 322 -1.97 25.78 -15.36
N GLY A 323 -0.65 25.69 -15.59
CA GLY A 323 0.17 26.84 -16.00
C GLY A 323 0.91 27.53 -14.86
N GLN A 324 0.47 27.28 -13.60
CA GLN A 324 1.04 27.83 -12.36
C GLN A 324 2.49 27.42 -12.21
N LEU A 325 3.31 28.38 -11.75
CA LEU A 325 4.72 28.18 -11.45
C LEU A 325 4.71 27.64 -10.03
N VAL A 326 5.25 26.44 -9.91
CA VAL A 326 5.26 25.62 -8.71
C VAL A 326 6.66 25.09 -8.47
N GLN A 327 6.98 24.65 -7.25
CA GLN A 327 8.33 24.12 -6.96
C GLN A 327 8.31 22.82 -6.18
N GLU A 328 9.02 21.82 -6.68
CA GLU A 328 9.11 20.51 -6.05
C GLU A 328 10.15 20.53 -4.93
N ARG A 329 9.85 19.82 -3.84
CA ARG A 329 10.71 19.71 -2.68
C ARG A 329 11.89 18.81 -2.94
N VAL A 330 13.12 19.24 -2.59
CA VAL A 330 14.31 18.38 -2.76
C VAL A 330 14.14 17.14 -1.84
N ALA A 331 14.27 15.92 -2.42
CA ALA A 331 14.10 14.65 -1.70
C ALA A 331 15.05 14.46 -0.54
N ARG A 332 16.35 14.40 -0.81
CA ARG A 332 17.32 14.21 0.27
C ARG A 332 18.26 15.42 0.26
N PRO A 333 17.81 16.59 0.78
CA PRO A 333 18.65 17.79 0.72
C PRO A 333 19.91 17.63 1.55
N ALA A 334 21.03 18.03 0.96
CA ALA A 334 22.31 17.97 1.62
C ALA A 334 22.42 19.15 2.59
N SER A 335 23.41 19.07 3.50
CA SER A 335 23.67 20.09 4.47
C SER A 335 23.99 21.40 3.77
N LEU A 336 23.37 22.48 4.23
CA LEU A 336 23.54 23.84 3.68
C LEU A 336 23.14 23.97 2.20
N ARG A 337 22.21 23.13 1.72
CA ARG A 337 21.74 23.17 0.35
C ARG A 337 20.24 23.45 0.29
N PRO A 338 19.72 24.10 -0.79
CA PRO A 338 18.28 24.39 -0.86
C PRO A 338 17.32 23.19 -0.71
N ARG A 339 16.21 23.45 -0.03
CA ARG A 339 15.16 22.47 0.24
C ARG A 339 14.16 22.39 -0.93
N TRP A 340 14.30 23.32 -1.92
CA TRP A 340 13.43 23.38 -3.09
C TRP A 340 14.14 23.33 -4.42
N HIS A 341 13.47 22.75 -5.43
CA HIS A 341 13.95 22.68 -6.80
C HIS A 341 13.55 23.99 -7.50
N LYS A 342 14.11 24.25 -8.70
CA LYS A 342 13.79 25.45 -9.49
C LYS A 342 12.32 25.41 -9.94
N PRO A 343 11.66 26.57 -10.19
CA PRO A 343 10.24 26.51 -10.62
C PRO A 343 9.96 25.58 -11.83
N SER A 344 8.77 24.95 -11.78
CA SER A 344 8.19 24.01 -12.74
C SER A 344 6.84 24.53 -13.10
N THR A 345 6.23 23.95 -14.16
CA THR A 345 4.90 24.37 -14.59
C THR A 345 3.98 23.19 -14.46
N VAL A 346 2.76 23.45 -13.95
CA VAL A 346 1.71 22.47 -13.76
C VAL A 346 1.10 22.16 -15.14
N LEU A 347 1.36 20.93 -15.66
CA LEU A 347 0.84 20.46 -16.96
C LEU A 347 -0.61 20.07 -16.82
N LYS A 348 -0.92 19.11 -15.91
CA LYS A 348 -2.28 18.63 -15.66
C LYS A 348 -2.54 18.51 -14.16
N VAL A 349 -3.77 18.80 -13.73
CA VAL A 349 -4.27 18.71 -12.36
C VAL A 349 -5.13 17.43 -12.35
N LEU A 350 -4.51 16.29 -11.94
CA LEU A 350 -5.15 14.97 -11.88
C LEU A 350 -6.35 14.93 -10.95
N ASN A 351 -6.25 15.68 -9.84
CA ASN A 351 -7.24 15.90 -8.76
C ASN A 351 -6.72 17.07 -7.91
N PRO A 352 -7.44 17.61 -6.90
CA PRO A 352 -6.87 18.78 -6.19
C PRO A 352 -5.60 18.53 -5.37
N ARG A 353 -5.21 17.25 -5.19
CA ARG A 353 -4.03 16.88 -4.41
C ARG A 353 -2.90 16.26 -5.20
N THR A 354 -3.14 15.94 -6.49
CA THR A 354 -2.15 15.30 -7.39
C THR A 354 -2.00 16.13 -8.64
N VAL A 355 -0.75 16.29 -9.09
CA VAL A 355 -0.45 17.11 -10.25
C VAL A 355 0.69 16.55 -11.10
N VAL A 356 0.66 16.89 -12.42
CA VAL A 356 1.71 16.52 -13.37
C VAL A 356 2.49 17.82 -13.62
N ILE A 357 3.81 17.76 -13.49
CA ILE A 357 4.65 18.94 -13.69
C ILE A 357 5.74 18.68 -14.71
N LEU A 358 6.28 19.77 -15.27
CA LEU A 358 7.39 19.77 -16.19
C LEU A 358 8.47 20.64 -15.57
N ASP A 359 9.60 20.02 -15.18
CA ASP A 359 10.70 20.77 -14.59
C ASP A 359 11.49 21.55 -15.69
N HIS A 360 12.64 22.18 -15.33
CA HIS A 360 13.46 22.91 -16.30
C HIS A 360 14.15 21.95 -17.30
N LEU A 361 14.37 20.65 -16.89
CA LEU A 361 14.98 19.58 -17.71
C LEU A 361 14.05 19.25 -18.88
N GLY A 362 12.77 19.04 -18.56
CA GLY A 362 11.72 18.71 -19.51
C GLY A 362 11.03 17.40 -19.20
N ASN A 363 11.22 16.89 -17.97
CA ASN A 363 10.62 15.64 -17.51
C ASN A 363 9.23 15.83 -16.92
N ASN A 364 8.34 14.86 -17.21
CA ASN A 364 6.97 14.82 -16.73
C ASN A 364 7.01 14.08 -15.39
N ARG A 365 6.50 14.70 -14.32
CA ARG A 365 6.52 14.09 -13.00
C ARG A 365 5.17 14.19 -12.35
N THR A 366 4.65 13.07 -11.85
CA THR A 366 3.36 13.04 -11.14
C THR A 366 3.73 13.19 -9.65
N VAL A 367 3.40 14.34 -9.08
CA VAL A 367 3.75 14.65 -7.71
C VAL A 367 2.54 15.02 -6.85
N SER A 368 2.70 14.90 -5.52
CA SER A 368 1.68 15.25 -4.52
C SER A 368 1.84 16.74 -4.24
N ILE A 369 0.76 17.46 -3.93
CA ILE A 369 0.91 18.88 -3.63
C ILE A 369 1.66 19.09 -2.28
N ASP A 370 1.77 18.03 -1.44
CA ASP A 370 2.48 18.07 -0.18
C ASP A 370 4.01 18.25 -0.42
N ASN A 371 4.49 17.85 -1.62
CA ASN A 371 5.88 18.01 -2.00
C ASN A 371 6.08 19.17 -2.97
N LEU A 372 5.11 20.12 -2.98
CA LEU A 372 5.15 21.32 -3.83
C LEU A 372 4.81 22.61 -3.07
N LYS A 373 5.38 23.72 -3.51
CA LYS A 373 5.03 25.03 -2.99
C LYS A 373 4.73 25.90 -4.22
N PRO A 374 3.76 26.83 -4.19
CA PRO A 374 3.57 27.69 -5.37
C PRO A 374 4.69 28.74 -5.36
N THR A 375 5.40 28.94 -6.48
CA THR A 375 6.46 29.96 -6.57
C THR A 375 5.91 31.35 -6.18
N SER A 376 6.62 32.03 -5.29
CA SER A 376 6.22 33.34 -4.78
C SER A 376 6.41 34.47 -5.75
N HIS A 377 5.60 35.55 -5.53
CA HIS A 377 5.65 36.81 -6.29
C HIS A 377 5.39 36.57 -7.78
N GLN A 378 4.39 35.70 -8.11
CA GLN A 378 3.98 35.29 -9.47
C GLN A 378 5.16 34.77 -10.32
N ASP B 119 -30.70 -28.53 14.07
CA ASP B 119 -29.26 -28.63 13.79
C ASP B 119 -28.78 -27.48 12.87
N ARG B 120 -27.81 -26.68 13.39
CA ARG B 120 -27.19 -25.50 12.76
C ARG B 120 -26.59 -25.76 11.35
N PRO B 121 -26.84 -24.86 10.35
CA PRO B 121 -26.29 -25.08 9.00
C PRO B 121 -24.76 -25.12 8.93
N GLN B 122 -24.22 -25.95 8.04
CA GLN B 122 -22.78 -26.12 7.82
C GLN B 122 -22.12 -24.78 7.43
N LYS B 123 -20.94 -24.47 8.01
CA LYS B 123 -20.23 -23.23 7.77
C LYS B 123 -18.72 -23.40 7.45
N PRO B 124 -18.03 -22.40 6.84
CA PRO B 124 -16.57 -22.54 6.63
C PRO B 124 -15.90 -22.56 8.00
N PHE B 125 -14.73 -23.24 8.11
CA PHE B 125 -13.92 -23.36 9.35
C PHE B 125 -14.54 -24.33 10.37
N ASP B 126 -15.66 -24.99 10.02
CA ASP B 126 -16.32 -25.97 10.88
C ASP B 126 -15.53 -27.26 10.93
N LYS B 127 -14.90 -27.64 9.80
CA LYS B 127 -14.13 -28.87 9.67
C LYS B 127 -13.14 -28.75 8.51
N PHE B 128 -11.86 -29.02 8.78
CA PHE B 128 -10.84 -29.01 7.72
C PHE B 128 -10.42 -30.47 7.56
N PHE B 129 -10.36 -30.97 6.31
CA PHE B 129 -9.97 -32.33 6.03
C PHE B 129 -8.54 -32.28 5.55
N ILE B 130 -7.61 -32.88 6.32
CA ILE B 130 -6.19 -32.88 5.99
C ILE B 130 -5.74 -34.27 5.53
N ASP B 131 -4.70 -34.34 4.67
CA ASP B 131 -4.16 -35.61 4.18
C ASP B 131 -2.87 -35.36 3.46
N TYR B 132 -2.03 -36.39 3.26
CA TYR B 132 -0.76 -36.23 2.56
C TYR B 132 -0.78 -36.91 1.21
N ILE B 133 -0.21 -36.24 0.19
CA ILE B 133 -0.04 -36.71 -1.18
C ILE B 133 1.48 -36.93 -1.36
N GLY B 134 1.87 -38.15 -1.72
CA GLY B 134 3.28 -38.48 -1.93
C GLY B 134 3.76 -39.80 -1.36
N PRO B 135 5.06 -40.11 -1.47
CA PRO B 135 6.14 -39.28 -2.05
C PRO B 135 6.06 -39.06 -3.56
N LEU B 136 6.27 -37.80 -3.95
CA LEU B 136 6.27 -37.29 -5.32
C LEU B 136 7.75 -37.10 -5.77
N PRO B 137 8.05 -36.85 -7.07
CA PRO B 137 9.46 -36.63 -7.44
C PRO B 137 9.96 -35.36 -6.75
N PRO B 138 11.24 -35.32 -6.29
CA PRO B 138 11.70 -34.12 -5.59
C PRO B 138 11.65 -32.88 -6.45
N SER B 139 11.04 -31.84 -5.90
CA SER B 139 10.90 -30.52 -6.52
C SER B 139 11.28 -29.51 -5.46
N GLN B 140 12.39 -28.78 -5.67
CA GLN B 140 12.93 -27.78 -4.75
C GLN B 140 13.18 -28.38 -3.34
N GLY B 141 13.49 -29.68 -3.32
CA GLY B 141 13.77 -30.45 -2.11
C GLY B 141 12.56 -31.05 -1.43
N TYR B 142 11.34 -30.69 -1.89
CA TYR B 142 10.06 -31.16 -1.35
C TYR B 142 9.60 -32.45 -2.01
N LEU B 143 8.98 -33.35 -1.23
CA LEU B 143 8.50 -34.66 -1.69
C LEU B 143 7.02 -34.93 -1.45
N TYR B 144 6.37 -34.17 -0.56
CA TYR B 144 4.96 -34.36 -0.22
C TYR B 144 4.16 -33.07 -0.31
N VAL B 145 2.82 -33.19 -0.32
CA VAL B 145 1.89 -32.07 -0.34
C VAL B 145 0.90 -32.35 0.75
N LEU B 146 0.76 -31.48 1.74
CA LEU B 146 -0.27 -31.64 2.76
C LEU B 146 -1.49 -30.96 2.13
N VAL B 147 -2.63 -31.63 2.13
CA VAL B 147 -3.83 -31.12 1.50
C VAL B 147 -4.82 -30.76 2.58
N VAL B 148 -5.32 -29.52 2.56
CA VAL B 148 -6.33 -29.06 3.51
C VAL B 148 -7.56 -28.60 2.71
N VAL B 149 -8.71 -29.22 2.98
CA VAL B 149 -9.94 -28.89 2.29
C VAL B 149 -10.99 -28.48 3.33
N ASP B 150 -11.55 -27.26 3.17
CA ASP B 150 -12.61 -26.84 4.07
C ASP B 150 -13.87 -27.68 3.67
N GLY B 151 -14.51 -28.32 4.65
CA GLY B 151 -15.67 -29.16 4.44
C GLY B 151 -16.86 -28.51 3.79
N MET B 152 -17.24 -27.31 4.28
CA MET B 152 -18.39 -26.57 3.76
C MET B 152 -18.19 -26.01 2.35
N THR B 153 -17.22 -25.09 2.17
CA THR B 153 -16.95 -24.41 0.89
C THR B 153 -16.22 -25.27 -0.14
N GLY B 154 -15.44 -26.25 0.30
CA GLY B 154 -14.64 -27.10 -0.58
C GLY B 154 -13.33 -26.42 -0.96
N PHE B 155 -12.94 -25.31 -0.23
CA PHE B 155 -11.70 -24.55 -0.49
C PHE B 155 -10.47 -25.37 -0.13
N THR B 156 -9.44 -25.32 -0.98
CA THR B 156 -8.20 -26.10 -0.81
C THR B 156 -6.96 -25.24 -0.60
N TRP B 157 -6.13 -25.68 0.37
CA TRP B 157 -4.86 -25.11 0.73
C TRP B 157 -3.87 -26.27 0.57
N LEU B 158 -2.80 -26.05 -0.17
CA LEU B 158 -1.75 -27.05 -0.41
C LEU B 158 -0.42 -26.55 0.21
N TYR B 159 0.27 -27.41 0.96
CA TYR B 159 1.56 -27.07 1.57
C TYR B 159 2.56 -28.15 1.25
N PRO B 160 3.68 -27.78 0.58
CA PRO B 160 4.70 -28.80 0.29
C PRO B 160 5.56 -29.07 1.53
N THR B 161 5.78 -30.35 1.86
CA THR B 161 6.59 -30.75 3.00
C THR B 161 7.74 -31.65 2.52
N LYS B 162 8.78 -31.84 3.35
CA LYS B 162 9.91 -32.69 3.00
C LYS B 162 9.68 -34.12 3.52
N ALA B 163 8.61 -34.31 4.33
CA ALA B 163 8.22 -35.57 4.95
C ALA B 163 6.76 -35.56 5.44
N PRO B 164 6.12 -36.74 5.60
CA PRO B 164 4.76 -36.76 6.15
C PRO B 164 4.87 -36.88 7.67
N SER B 165 5.63 -35.97 8.30
CA SER B 165 5.88 -35.98 9.73
C SER B 165 5.05 -34.99 10.51
N THR B 166 4.95 -35.18 11.84
CA THR B 166 4.22 -34.27 12.72
C THR B 166 4.86 -32.90 12.65
N SER B 167 6.20 -32.85 12.67
CA SER B 167 6.95 -31.61 12.59
C SER B 167 6.52 -30.82 11.36
N ALA B 168 6.53 -31.46 10.16
CA ALA B 168 6.15 -30.83 8.88
C ALA B 168 4.67 -30.42 8.86
N THR B 169 3.79 -31.25 9.46
CA THR B 169 2.35 -31.00 9.54
C THR B 169 2.16 -29.73 10.37
N VAL B 170 2.81 -29.67 11.55
CA VAL B 170 2.75 -28.55 12.47
C VAL B 170 3.33 -27.27 11.82
N LYS B 171 4.49 -27.36 11.14
CA LYS B 171 5.09 -26.19 10.49
C LYS B 171 4.14 -25.61 9.43
N SER B 172 3.50 -26.48 8.60
CA SER B 172 2.56 -26.13 7.54
C SER B 172 1.26 -25.59 8.09
N LEU B 173 0.62 -26.33 9.02
CA LEU B 173 -0.64 -25.90 9.63
C LEU B 173 -0.50 -24.64 10.47
N ASN B 174 0.72 -24.25 10.88
CA ASN B 174 0.95 -23.02 11.64
C ASN B 174 0.79 -21.81 10.72
N VAL B 175 1.05 -22.00 9.42
CA VAL B 175 0.88 -20.98 8.42
C VAL B 175 -0.63 -20.85 8.18
N LEU B 176 -1.32 -21.97 7.90
CA LEU B 176 -2.75 -21.92 7.68
C LEU B 176 -3.51 -21.35 8.88
N THR B 177 -3.23 -21.84 10.11
CA THR B 177 -3.95 -21.39 11.32
C THR B 177 -3.63 -19.92 11.72
N SER B 178 -2.85 -19.18 10.90
CA SER B 178 -2.52 -17.75 11.10
C SER B 178 -3.49 -16.91 10.27
N ILE B 179 -4.31 -17.61 9.45
CA ILE B 179 -5.34 -17.03 8.60
C ILE B 179 -6.66 -17.42 9.23
N ALA B 180 -6.91 -18.71 9.44
CA ALA B 180 -8.16 -19.17 10.02
C ALA B 180 -7.96 -20.47 10.75
N ILE B 181 -8.63 -20.61 11.90
CA ILE B 181 -8.55 -21.82 12.72
C ILE B 181 -9.84 -22.68 12.56
N PRO B 182 -9.70 -23.99 12.19
CA PRO B 182 -10.90 -24.84 12.09
C PRO B 182 -11.38 -25.24 13.47
N LYS B 183 -12.67 -25.56 13.62
CA LYS B 183 -13.21 -26.03 14.90
C LYS B 183 -12.80 -27.49 15.03
N VAL B 184 -12.73 -28.22 13.90
CA VAL B 184 -12.38 -29.63 13.84
C VAL B 184 -11.43 -29.89 12.67
N ILE B 185 -10.44 -30.78 12.89
CA ILE B 185 -9.52 -31.27 11.86
C ILE B 185 -9.90 -32.76 11.70
N HIS B 186 -10.08 -33.22 10.44
CA HIS B 186 -10.40 -34.61 10.15
C HIS B 186 -9.27 -35.18 9.30
N SER B 187 -8.83 -36.37 9.68
CA SER B 187 -7.75 -37.06 8.98
C SER B 187 -7.92 -38.55 9.17
N ASP B 188 -7.10 -39.35 8.46
CA ASP B 188 -7.05 -40.79 8.62
C ASP B 188 -6.10 -41.06 9.84
N GLN B 189 -5.73 -42.33 10.08
CA GLN B 189 -4.86 -42.68 11.23
C GLN B 189 -3.36 -42.65 10.88
N GLY B 190 -2.96 -41.72 10.03
CA GLY B 190 -1.56 -41.57 9.66
C GLY B 190 -0.75 -41.15 10.89
N ALA B 191 0.48 -41.66 11.00
CA ALA B 191 1.41 -41.40 12.11
C ALA B 191 1.49 -39.94 12.53
N ALA B 192 1.67 -39.03 11.53
CA ALA B 192 1.77 -37.59 11.73
C ALA B 192 0.55 -37.01 12.45
N PHE B 193 -0.65 -37.54 12.18
CA PHE B 193 -1.88 -37.01 12.78
C PHE B 193 -2.27 -37.67 14.08
N THR B 194 -1.80 -38.91 14.32
CA THR B 194 -2.15 -39.66 15.55
C THR B 194 -1.13 -39.47 16.71
N SER B 195 0.04 -38.82 16.44
CA SER B 195 1.09 -38.53 17.43
C SER B 195 0.58 -37.66 18.58
N SER B 196 1.17 -37.84 19.78
CA SER B 196 0.78 -37.06 20.97
C SER B 196 1.18 -35.58 20.83
N THR B 197 2.20 -35.31 20.00
CA THR B 197 2.71 -33.98 19.69
C THR B 197 1.63 -33.21 18.92
N PHE B 198 1.06 -33.82 17.85
CA PHE B 198 0.00 -33.22 17.05
C PHE B 198 -1.23 -33.01 17.89
N ALA B 199 -1.47 -33.91 18.85
CA ALA B 199 -2.60 -33.81 19.77
C ALA B 199 -2.38 -32.63 20.71
N GLU B 200 -1.12 -32.41 21.18
CA GLU B 200 -0.79 -31.26 22.05
C GLU B 200 -1.00 -29.95 21.27
N TRP B 201 -0.49 -29.88 20.02
CA TRP B 201 -0.65 -28.75 19.12
C TRP B 201 -2.12 -28.33 18.94
N ALA B 202 -3.03 -29.32 18.69
CA ALA B 202 -4.46 -29.08 18.50
C ALA B 202 -5.12 -28.57 19.75
N LYS B 203 -4.84 -29.20 20.91
CA LYS B 203 -5.42 -28.83 22.21
C LYS B 203 -5.10 -27.37 22.57
N GLU B 204 -3.87 -26.91 22.21
CA GLU B 204 -3.39 -25.55 22.44
C GLU B 204 -4.24 -24.54 21.67
N ARG B 205 -4.66 -24.90 20.43
CA ARG B 205 -5.44 -24.02 19.56
C ARG B 205 -6.94 -24.21 19.66
N GLY B 206 -7.39 -25.09 20.56
CA GLY B 206 -8.80 -25.38 20.76
C GLY B 206 -9.43 -26.14 19.60
N ILE B 207 -8.61 -26.90 18.84
CA ILE B 207 -9.03 -27.69 17.67
C ILE B 207 -9.32 -29.14 18.09
N HIS B 208 -10.51 -29.65 17.75
CA HIS B 208 -10.84 -31.02 18.05
C HIS B 208 -10.33 -31.89 16.92
N LEU B 209 -9.57 -32.95 17.23
CA LEU B 209 -9.09 -33.87 16.19
C LEU B 209 -10.15 -34.98 15.97
N GLU B 210 -10.28 -35.44 14.73
CA GLU B 210 -11.27 -36.44 14.37
C GLU B 210 -10.66 -37.38 13.39
N PHE B 211 -10.79 -38.66 13.66
CA PHE B 211 -10.19 -39.68 12.81
C PHE B 211 -11.20 -40.60 12.18
N SER B 212 -10.86 -41.05 10.98
CA SER B 212 -11.69 -42.01 10.27
C SER B 212 -11.19 -43.39 10.77
N THR B 213 -12.06 -44.42 10.73
CA THR B 213 -11.74 -45.79 11.15
C THR B 213 -10.52 -46.32 10.34
N PRO B 214 -9.51 -47.04 10.95
CA PRO B 214 -8.38 -47.54 10.13
C PRO B 214 -8.88 -48.40 8.98
N TYR B 215 -8.28 -48.20 7.78
CA TYR B 215 -8.54 -48.86 6.50
C TYR B 215 -9.90 -48.43 5.85
N HIS B 216 -10.76 -47.66 6.58
CA HIS B 216 -12.07 -47.14 6.14
C HIS B 216 -12.10 -45.60 6.11
N PRO B 217 -11.44 -44.96 5.09
CA PRO B 217 -11.42 -43.50 5.05
C PRO B 217 -12.73 -42.88 4.58
N GLN B 218 -13.34 -42.08 5.45
CA GLN B 218 -14.60 -41.39 5.16
C GLN B 218 -14.42 -39.92 5.43
N SER B 219 -14.99 -39.07 4.55
CA SER B 219 -14.95 -37.62 4.67
C SER B 219 -16.37 -37.09 4.39
N SER B 220 -16.66 -36.77 3.12
CA SER B 220 -17.95 -36.30 2.60
C SER B 220 -17.85 -36.42 1.06
N GLY B 221 -19.00 -36.43 0.39
CA GLY B 221 -19.07 -36.50 -1.07
C GLY B 221 -18.27 -35.38 -1.70
N LYS B 222 -18.55 -34.12 -1.28
CA LYS B 222 -17.87 -32.92 -1.76
C LYS B 222 -16.33 -33.03 -1.58
N VAL B 223 -15.88 -33.46 -0.38
CA VAL B 223 -14.46 -33.61 -0.06
C VAL B 223 -13.81 -34.76 -0.85
N GLU B 224 -14.43 -35.98 -0.85
CA GLU B 224 -13.95 -37.16 -1.57
C GLU B 224 -13.71 -36.82 -3.05
N ARG B 225 -14.68 -36.09 -3.67
CA ARG B 225 -14.62 -35.62 -5.04
C ARG B 225 -13.47 -34.61 -5.18
N LYS B 226 -13.35 -33.65 -4.22
CA LYS B 226 -12.28 -32.65 -4.25
C LYS B 226 -10.89 -33.27 -4.24
N ASN B 227 -10.66 -34.26 -3.35
CA ASN B 227 -9.38 -34.95 -3.28
C ASN B 227 -9.05 -35.73 -4.56
N SER B 228 -10.11 -36.17 -5.31
CA SER B 228 -9.98 -36.88 -6.59
C SER B 228 -9.44 -35.89 -7.61
N ASP B 229 -10.09 -34.70 -7.73
CA ASP B 229 -9.67 -33.63 -8.64
C ASP B 229 -8.25 -33.21 -8.35
N ILE B 230 -7.89 -33.05 -7.02
CA ILE B 230 -6.54 -32.67 -6.56
C ILE B 230 -5.52 -33.67 -7.09
N LYS B 231 -5.71 -34.97 -6.75
CA LYS B 231 -4.84 -36.08 -7.16
C LYS B 231 -4.70 -36.16 -8.69
N ARG B 232 -5.84 -36.02 -9.43
CA ARG B 232 -5.86 -36.05 -10.90
C ARG B 232 -5.15 -34.85 -11.53
N LEU B 233 -5.46 -33.62 -11.08
CA LEU B 233 -4.87 -32.37 -11.58
C LEU B 233 -3.34 -32.39 -11.38
N LEU B 234 -2.89 -32.90 -10.22
CA LEU B 234 -1.47 -33.02 -9.90
C LEU B 234 -0.81 -34.00 -10.86
N THR B 235 -1.43 -35.20 -11.10
CA THR B 235 -0.94 -36.24 -12.01
C THR B 235 -0.80 -35.70 -13.44
N LYS B 236 -1.80 -34.93 -13.89
CA LYS B 236 -1.90 -34.30 -15.20
C LYS B 236 -0.75 -33.34 -15.45
N LEU B 237 -0.37 -32.55 -14.41
CA LEU B 237 0.71 -31.57 -14.56
C LEU B 237 2.10 -32.14 -14.24
N LEU B 238 2.17 -33.25 -13.44
CA LEU B 238 3.43 -33.93 -13.12
C LEU B 238 4.08 -34.47 -14.42
N VAL B 239 3.28 -35.05 -15.34
CA VAL B 239 3.74 -35.60 -16.62
C VAL B 239 4.40 -34.48 -17.47
N GLY B 240 5.68 -34.68 -17.81
CA GLY B 240 6.47 -33.73 -18.58
C GLY B 240 7.44 -32.90 -17.75
N ARG B 241 6.95 -32.37 -16.61
CA ARG B 241 7.71 -31.54 -15.64
C ARG B 241 7.50 -32.11 -14.20
N PRO B 242 7.92 -33.37 -13.91
CA PRO B 242 7.65 -33.94 -12.57
C PRO B 242 8.45 -33.34 -11.42
N THR B 243 9.45 -32.54 -11.77
CA THR B 243 10.35 -31.89 -10.84
C THR B 243 10.09 -30.38 -10.71
N LYS B 244 9.00 -29.88 -11.34
CA LYS B 244 8.66 -28.45 -11.32
C LYS B 244 7.31 -28.13 -10.65
N TRP B 245 6.76 -29.08 -9.87
CA TRP B 245 5.47 -28.92 -9.20
C TRP B 245 5.42 -27.89 -8.06
N TYR B 246 6.57 -27.58 -7.41
CA TYR B 246 6.61 -26.61 -6.31
C TYR B 246 6.09 -25.24 -6.78
N ASP B 247 6.51 -24.80 -7.96
CA ASP B 247 6.10 -23.51 -8.53
C ASP B 247 4.68 -23.50 -9.02
N LEU B 248 4.16 -24.69 -9.36
CA LEU B 248 2.80 -24.83 -9.88
C LEU B 248 1.73 -24.90 -8.80
N LEU B 249 2.10 -25.18 -7.52
CA LEU B 249 1.14 -25.26 -6.41
C LEU B 249 0.20 -24.02 -6.37
N PRO B 250 0.67 -22.75 -6.48
CA PRO B 250 -0.29 -21.62 -6.51
C PRO B 250 -1.33 -21.68 -7.64
N VAL B 251 -0.90 -21.99 -8.90
CA VAL B 251 -1.86 -22.06 -10.01
C VAL B 251 -2.81 -23.27 -9.84
N VAL B 252 -2.33 -24.38 -9.28
CA VAL B 252 -3.14 -25.57 -9.01
C VAL B 252 -4.28 -25.21 -8.05
N GLN B 253 -3.99 -24.44 -6.97
CA GLN B 253 -4.97 -23.99 -5.98
C GLN B 253 -6.01 -23.01 -6.55
N LEU B 254 -5.57 -22.06 -7.39
CA LEU B 254 -6.50 -21.09 -8.00
C LEU B 254 -7.47 -21.84 -8.89
N ALA B 255 -6.94 -22.84 -9.66
CA ALA B 255 -7.72 -23.71 -10.54
C ALA B 255 -8.78 -24.38 -9.71
N LEU B 256 -8.36 -25.19 -8.73
CA LEU B 256 -9.21 -25.94 -7.81
C LEU B 256 -10.25 -25.12 -7.12
N ASN B 257 -9.90 -23.90 -6.67
CA ASN B 257 -10.81 -23.00 -5.92
C ASN B 257 -11.74 -22.15 -6.78
N ASN B 258 -11.46 -22.06 -8.08
CA ASN B 258 -12.31 -21.32 -9.00
C ASN B 258 -13.04 -22.30 -9.93
N THR B 259 -13.20 -23.54 -9.43
CA THR B 259 -13.84 -24.65 -10.11
C THR B 259 -15.29 -24.73 -9.64
N TYR B 260 -16.22 -24.54 -10.58
CA TYR B 260 -17.66 -24.57 -10.33
C TYR B 260 -18.13 -25.89 -9.68
N SER B 261 -19.02 -25.79 -8.67
CA SER B 261 -19.62 -26.92 -7.95
C SER B 261 -21.05 -27.22 -8.48
N PRO B 262 -21.23 -28.39 -9.14
CA PRO B 262 -22.58 -28.74 -9.68
C PRO B 262 -23.69 -28.75 -8.61
N VAL B 263 -23.38 -29.35 -7.42
CA VAL B 263 -24.28 -29.50 -6.29
C VAL B 263 -24.67 -28.16 -5.62
N LEU B 264 -23.71 -27.21 -5.48
CA LEU B 264 -23.94 -25.94 -4.79
C LEU B 264 -24.15 -24.70 -5.68
N LYS B 265 -23.86 -24.78 -7.01
CA LYS B 265 -24.02 -23.65 -7.95
C LYS B 265 -22.87 -22.60 -7.85
N TYR B 266 -22.03 -22.69 -6.80
CA TYR B 266 -20.94 -21.74 -6.59
C TYR B 266 -19.61 -22.43 -6.42
N THR B 267 -18.51 -21.72 -6.75
CA THR B 267 -17.12 -22.19 -6.62
C THR B 267 -16.67 -22.07 -5.13
N PRO B 268 -15.62 -22.80 -4.66
CA PRO B 268 -15.17 -22.61 -3.26
C PRO B 268 -14.79 -21.16 -2.93
N HIS B 269 -14.22 -20.39 -3.89
CA HIS B 269 -13.88 -18.98 -3.71
C HIS B 269 -15.14 -18.17 -3.39
N GLN B 270 -16.22 -18.41 -4.13
CA GLN B 270 -17.46 -17.68 -3.90
C GLN B 270 -18.03 -17.97 -2.55
N LEU B 271 -18.02 -19.24 -2.12
CA LEU B 271 -18.56 -19.65 -0.83
C LEU B 271 -17.75 -19.15 0.36
N LEU B 272 -16.45 -18.94 0.17
CA LEU B 272 -15.57 -18.46 1.24
C LEU B 272 -15.59 -16.93 1.37
N PHE B 273 -15.57 -16.19 0.24
CA PHE B 273 -15.51 -14.73 0.29
C PHE B 273 -16.81 -14.00 -0.04
N GLY B 274 -17.80 -14.67 -0.63
CA GLY B 274 -19.08 -14.07 -1.00
C GLY B 274 -18.99 -13.07 -2.13
N ILE B 275 -18.02 -13.27 -3.04
CA ILE B 275 -17.72 -12.45 -4.23
C ILE B 275 -17.21 -13.36 -5.37
N ASP B 276 -17.26 -12.83 -6.61
CA ASP B 276 -16.74 -13.52 -7.79
C ASP B 276 -15.22 -13.30 -7.73
N SER B 277 -14.46 -14.08 -8.46
CA SER B 277 -13.01 -14.00 -8.45
C SER B 277 -12.46 -13.20 -9.62
N ASN B 278 -11.21 -12.77 -9.54
CA ASN B 278 -10.57 -12.02 -10.62
C ASN B 278 -9.90 -13.00 -11.57
N THR B 279 -9.87 -14.29 -11.20
CA THR B 279 -9.29 -15.36 -12.01
C THR B 279 -10.36 -16.44 -12.19
N PRO B 280 -11.35 -16.23 -13.08
CA PRO B 280 -12.37 -17.29 -13.28
C PRO B 280 -11.79 -18.37 -14.21
N PHE B 281 -11.88 -19.64 -13.79
CA PHE B 281 -11.32 -20.71 -14.61
C PHE B 281 -12.43 -21.31 -15.46
N ALA B 282 -12.89 -20.48 -16.41
CA ALA B 282 -13.95 -20.74 -17.38
C ALA B 282 -13.53 -21.86 -18.36
N ASN B 283 -12.23 -21.88 -18.73
CA ASN B 283 -11.63 -22.88 -19.63
C ASN B 283 -11.49 -24.23 -18.87
N GLN B 284 -12.65 -24.89 -18.61
CA GLN B 284 -12.76 -26.17 -17.92
C GLN B 284 -12.08 -27.24 -18.78
N ASP B 285 -10.88 -27.68 -18.33
CA ASP B 285 -10.05 -28.66 -19.03
C ASP B 285 -10.46 -30.12 -18.75
N THR B 286 -9.78 -31.06 -19.45
CA THR B 286 -9.96 -32.52 -19.44
C THR B 286 -9.82 -33.19 -18.07
N LEU B 287 -8.61 -33.07 -17.43
CA LEU B 287 -8.20 -33.68 -16.16
C LEU B 287 -7.77 -35.13 -16.41
N ASP B 288 -8.20 -35.68 -17.56
CA ASP B 288 -7.88 -37.02 -18.05
C ASP B 288 -6.65 -36.92 -18.94
N LEU B 289 -5.80 -37.95 -18.94
CA LEU B 289 -4.55 -37.99 -19.69
C LEU B 289 -4.72 -38.35 -21.18
N THR B 290 -4.03 -37.58 -22.07
CA THR B 290 -4.03 -37.79 -23.52
C THR B 290 -3.13 -39.00 -23.81
N ARG B 291 -3.36 -39.72 -24.94
CA ARG B 291 -2.57 -40.90 -25.32
C ARG B 291 -1.05 -40.61 -25.35
N GLU B 292 -0.67 -39.36 -25.66
CA GLU B 292 0.69 -38.87 -25.70
C GLU B 292 1.22 -38.77 -24.25
N GLU B 293 0.42 -38.16 -23.34
CA GLU B 293 0.73 -38.00 -21.90
C GLU B 293 0.78 -39.35 -21.19
N GLU B 294 -0.10 -40.30 -21.61
CA GLU B 294 -0.22 -41.66 -21.08
C GLU B 294 1.07 -42.44 -21.31
N LEU B 295 1.60 -42.42 -22.57
CA LEU B 295 2.84 -43.09 -22.95
C LEU B 295 4.05 -42.40 -22.30
N SER B 296 4.00 -41.05 -22.18
CA SER B 296 5.05 -40.23 -21.57
C SER B 296 5.10 -40.49 -20.06
N LEU B 297 3.93 -40.80 -19.43
CA LEU B 297 3.81 -41.11 -18.00
C LEU B 297 4.43 -42.49 -17.69
N LEU B 298 4.15 -43.51 -18.53
CA LEU B 298 4.67 -44.86 -18.40
C LEU B 298 6.18 -44.92 -18.70
N GLN B 299 6.71 -43.90 -19.45
CA GLN B 299 8.13 -43.75 -19.80
C GLN B 299 8.93 -43.35 -18.56
N GLU B 300 8.33 -42.47 -17.70
CA GLU B 300 8.91 -41.99 -16.44
C GLU B 300 9.03 -43.15 -15.45
N ILE B 301 8.07 -44.12 -15.53
CA ILE B 301 8.00 -45.35 -14.71
C ILE B 301 9.09 -46.30 -15.30
N ARG B 302 10.37 -45.95 -15.04
CA ARG B 302 11.60 -46.65 -15.46
C ARG B 302 12.79 -46.04 -14.72
ZN ZN E . 17.47 36.67 -2.35
C1 GOL F . 17.58 -8.84 -6.01
O1 GOL F . 17.10 -9.50 -4.84
C2 GOL F . 16.45 -8.29 -6.84
O2 GOL F . 15.61 -7.47 -6.01
C3 GOL F . 15.64 -9.37 -7.49
O3 GOL F . 15.08 -8.94 -8.73
C1 GOL G . 15.62 -14.89 16.69
O1 GOL G . 15.26 -15.38 17.96
C2 GOL G . 17.06 -14.46 16.67
O2 GOL G . 17.90 -15.50 17.18
C3 GOL G . 17.29 -13.18 17.45
O3 GOL G . 16.70 -13.22 18.74
N1 X2P H . 10.33 5.10 2.39
C4 X2P H . 9.65 7.32 5.45
C5 X2P H . 10.40 6.09 3.37
C6 X2P H . 9.31 4.15 2.45
C7 X2P H . 8.36 4.30 3.53
C8 X2P H . 11.35 5.24 1.30
C10 X2P H . 13.12 7.09 1.15
C13 X2P H . 10.74 5.58 -0.07
C15 X2P H . 11.75 3.33 -0.19
C17 X2P H . 13.15 3.81 -0.02
C20 X2P H . 5.76 8.91 7.78
C21 X2P H . 4.72 9.81 7.68
C22 X2P H . 3.49 9.37 7.24
C24 X2P H . 4.32 7.14 7.02
F X2P H . 2.46 10.25 7.12
C23 X2P H . 3.29 8.05 6.90
CL X2P H . 1.74 7.53 6.31
C19 X2P H . 5.59 7.56 7.45
C18 X2P H . 6.72 6.58 7.62
N X2P H . 7.58 6.45 6.43
C1 X2P H . 7.41 5.41 5.60
O4 X2P H . 6.50 4.60 5.72
C2 X2P H . 8.39 5.31 4.52
O X2P H . 7.42 3.35 3.55
O1 X2P H . 9.21 3.22 1.66
C16 X2P H . 12.18 3.94 1.10
C14 X2P H . 10.74 4.27 -0.88
N2 X2P H . 12.05 6.41 1.88
C11 X2P H . 14.54 6.98 1.79
O3 X2P H . 14.63 5.77 2.57
C12 X2P H . 15.62 7.00 0.74
C9 X2P H . 11.60 6.84 3.09
O2 X2P H . 12.14 7.73 3.75
C3 X2P H . 9.50 6.25 4.41
C X2P H . 8.29 7.66 6.02
MG MG I . 7.92 1.83 1.88
MG MG J . 5.87 2.88 4.95
S SO4 K . 21.25 20.04 7.70
O1 SO4 K . 21.67 19.22 8.84
O2 SO4 K . 20.99 19.16 6.55
O3 SO4 K . 22.34 20.97 7.41
O4 SO4 K . 20.03 20.79 8.02
S SO4 L . 17.25 22.08 -9.58
O1 SO4 L . 15.84 22.02 -9.95
O2 SO4 L . 17.67 20.84 -8.94
O3 SO4 L . 17.47 23.21 -8.67
O4 SO4 L . 18.09 22.27 -10.77
C1 GOL M . -21.13 -15.19 -4.56
O1 GOL M . -21.30 -14.20 -5.58
C2 GOL M . -22.45 -15.51 -3.90
O2 GOL M . -22.85 -14.44 -3.03
C3 GOL M . -22.41 -16.81 -3.13
O3 GOL M . -23.64 -17.01 -2.43
S SO4 N . -19.14 -31.18 -5.64
O1 SO4 N . -19.88 -31.16 -4.38
O2 SO4 N . -19.62 -32.25 -6.50
O3 SO4 N . -19.36 -29.91 -6.32
O4 SO4 N . -17.69 -31.35 -5.40
MG MG O . -5.47 -41.39 2.80
C1 GOL P . -12.77 7.58 12.54
O1 GOL P . -12.20 7.48 11.24
C2 GOL P . -12.21 6.55 13.48
O2 GOL P . -10.77 6.64 13.55
C3 GOL P . -12.80 6.75 14.86
O3 GOL P . -12.60 5.64 15.71
#